data_1T0K
#
_entry.id   1T0K
#
_cell.length_a   136.006
_cell.length_b   136.006
_cell.length_c   123.813
_cell.angle_alpha   90
_cell.angle_beta   90
_cell.angle_gamma   90
#
_symmetry.space_group_name_H-M   'P 41 21 2'
#
loop_
_entity.id
_entity.type
_entity.pdbx_description
1 polymer "5'-R(*GP*AP*CP*CP*GP*GP*AP*GP*UP*GP*UP*CP*C)-3'"
2 polymer "5'-R(*G*GP*AP*CP*GP*CP*AP*GP*AP*GP*AP*UP*GP*GP*UP*C)-3'"
3 polymer 'Maltose-binding periplasmic protein'
4 polymer '60S ribosomal protein L30'
5 branched alpha-D-glucopyranose-(1-4)-alpha-D-glucopyranose-(1-4)-alpha-D-glucopyranose-(1-4)-alpha-D-glucopyranose
#
loop_
_entity_poly.entity_id
_entity_poly.type
_entity_poly.pdbx_seq_one_letter_code
_entity_poly.pdbx_strand_id
1 'polyribonucleotide' GACCGGAGUGUCC C
2 'polyribonucleotide' GGACGCAGAGAUGGUC D
3 'polypeptide(L)'
;MKLEEGKLVIWINGDKGYNGLAEVGKKFEKDTGIKVTVEHPDKLEEKFPQVAATGDGPDIIFWAHDRFGGYAQSGLLAEI
TPDKAFQDKLYPFTWDAVRYNGKLIAYPIAVEALSLIYNKDLLPNPPKTWEEIPALDKELKAKGKSALMFNLQEPYFTWP
LIAADGGYAFKYENGKYDIKDVGVDNAGAKAGLTFLVDLIKNKHMNADTDYSIAEAAFNKGETAMTINGPWAWSNIDTSK
VNYGVTVLPTFKGQPSKPFVGVLSAGINAASPNKELAKEFLENYLLTDEGLEAVNKDKPLGAVALKSYEEELAKDPRIAA
TMENAQKGEIMPNIPQMSAFWYAVRTAVINAASGRQTVDEALKDAQTNSSSVPGRGSIEGR
;
A
4 'polypeptide(L)'
;MAPVKSQESINQKLALVIKSGKYTLGYKSTVKSLRQGKSKLIIIAANTPVLRKSELEYYAMLSKTKVYYFQGGNNELGTA
VGKLFRVGVVSILEAGDSDILTTLA
;
B
#
# COMPACT_ATOMS: atom_id res chain seq x y z
N GLY C 6 1.90 16.20 -20.27
CA GLY C 6 1.74 14.93 -21.06
C GLY C 6 2.78 13.85 -20.68
N LYS C 7 2.91 13.60 -19.36
CA LYS C 7 3.85 12.61 -18.81
C LYS C 7 3.13 11.72 -17.77
N LEU C 8 3.85 10.71 -17.26
CA LEU C 8 3.32 9.81 -16.23
C LEU C 8 4.34 9.68 -15.12
N VAL C 9 3.99 10.13 -13.91
CA VAL C 9 4.87 10.04 -12.75
C VAL C 9 4.38 8.89 -11.84
N ILE C 10 5.15 7.78 -11.81
CA ILE C 10 4.82 6.55 -11.05
C ILE C 10 5.58 6.44 -9.70
N TRP C 11 4.85 6.22 -8.60
CA TRP C 11 5.45 5.96 -7.28
C TRP C 11 5.28 4.48 -6.95
N ILE C 12 6.40 3.78 -6.78
CA ILE C 12 6.42 2.35 -6.48
C ILE C 12 7.25 2.13 -5.23
N ASN C 13 6.97 1.10 -4.42
CA ASN C 13 7.75 0.86 -3.16
C ASN C 13 9.23 0.49 -3.38
N GLY C 14 10.07 0.89 -2.42
CA GLY C 14 11.53 0.65 -2.48
C GLY C 14 11.97 -0.80 -2.58
N ASP C 15 11.14 -1.76 -2.12
CA ASP C 15 11.50 -3.19 -2.20
C ASP C 15 10.74 -3.90 -3.31
N LYS C 16 10.79 -3.31 -4.50
CA LYS C 16 10.14 -3.83 -5.70
C LYS C 16 11.04 -3.62 -6.90
N GLY C 17 10.64 -4.13 -8.06
CA GLY C 17 11.44 -3.92 -9.26
C GLY C 17 11.22 -2.53 -9.82
N TYR C 18 11.70 -1.49 -9.12
CA TYR C 18 11.52 -0.09 -9.55
C TYR C 18 12.45 0.27 -10.73
N ASN C 19 13.63 -0.36 -10.84
CA ASN C 19 14.51 -0.15 -12.00
C ASN C 19 13.88 -0.85 -13.22
N GLY C 20 13.32 -2.06 -12.99
CA GLY C 20 12.65 -2.84 -14.04
C GLY C 20 11.31 -2.22 -14.47
N LEU C 21 10.68 -1.42 -13.59
CA LEU C 21 9.44 -0.73 -13.96
C LEU C 21 9.84 0.46 -14.80
N ALA C 22 11.00 1.05 -14.44
CA ALA C 22 11.55 2.17 -15.20
C ALA C 22 11.89 1.68 -16.60
N GLU C 23 12.44 0.45 -16.67
CA GLU C 23 12.80 -0.19 -17.94
C GLU C 23 11.57 -0.29 -18.85
N VAL C 24 10.37 -0.54 -18.26
CA VAL C 24 9.13 -0.58 -19.06
C VAL C 24 8.77 0.84 -19.53
N GLY C 25 9.15 1.86 -18.73
CA GLY C 25 8.90 3.24 -19.11
C GLY C 25 9.70 3.64 -20.35
N LYS C 26 10.91 3.06 -20.52
CA LYS C 26 11.76 3.36 -21.68
C LYS C 26 11.04 2.98 -22.97
N LYS C 27 10.50 1.73 -23.05
CA LYS C 27 9.72 1.30 -24.25
C LYS C 27 8.60 2.32 -24.51
N PHE C 28 7.88 2.71 -23.46
CA PHE C 28 6.79 3.70 -23.57
C PHE C 28 7.32 5.05 -24.11
N GLU C 29 8.56 5.42 -23.80
CA GLU C 29 9.16 6.68 -24.31
C GLU C 29 9.53 6.51 -25.79
N LYS C 30 10.28 5.44 -26.09
CA LYS C 30 10.72 5.09 -27.46
C LYS C 30 9.54 4.82 -28.43
N ASP C 31 8.29 4.70 -27.94
CA ASP C 31 7.13 4.41 -28.80
C ASP C 31 6.04 5.53 -28.78
N THR C 32 6.27 6.64 -28.05
CA THR C 32 5.32 7.81 -28.02
C THR C 32 6.00 9.12 -27.59
N GLY C 33 7.14 9.04 -26.87
CA GLY C 33 7.83 10.23 -26.41
C GLY C 33 7.24 10.77 -25.11
N ILE C 34 6.60 9.88 -24.32
CA ILE C 34 6.00 10.27 -23.04
C ILE C 34 7.01 9.98 -21.92
N LYS C 35 7.21 10.97 -21.03
CA LYS C 35 8.17 10.84 -19.94
C LYS C 35 7.60 10.00 -18.77
N VAL C 36 8.14 8.78 -18.61
CA VAL C 36 7.72 7.87 -17.52
C VAL C 36 8.75 7.95 -16.40
N THR C 37 8.42 8.70 -15.36
CA THR C 37 9.33 8.89 -14.22
C THR C 37 8.91 7.98 -13.06
N VAL C 38 9.79 7.02 -12.72
CA VAL C 38 9.52 6.08 -11.63
C VAL C 38 10.27 6.49 -10.37
N GLU C 39 9.54 6.74 -9.31
CA GLU C 39 10.15 7.09 -8.04
C GLU C 39 9.72 6.09 -6.95
N HIS C 40 10.49 6.02 -5.87
CA HIS C 40 10.21 5.10 -4.79
C HIS C 40 10.41 5.82 -3.46
N PRO C 41 9.58 6.79 -3.17
CA PRO C 41 9.72 7.59 -1.96
C PRO C 41 9.35 6.84 -0.68
N ASP C 42 10.14 7.07 0.42
CA ASP C 42 9.89 6.40 1.73
C ASP C 42 8.50 6.77 2.26
N LYS C 43 7.83 5.82 2.95
CA LYS C 43 6.47 6.02 3.50
C LYS C 43 5.47 6.50 2.40
N LEU C 44 5.69 6.08 1.10
CA LEU C 44 4.83 6.50 -0.02
C LEU C 44 3.34 6.26 0.21
N GLU C 45 3.00 5.12 0.79
CA GLU C 45 1.62 4.78 1.10
C GLU C 45 1.03 5.79 2.12
N GLU C 46 1.90 6.31 3.00
CA GLU C 46 1.49 7.30 4.02
C GLU C 46 1.36 8.69 3.37
N LYS C 47 2.24 8.99 2.38
CA LYS C 47 2.32 10.29 1.67
C LYS C 47 1.20 10.52 0.64
N PHE C 48 1.02 9.60 -0.30
CA PHE C 48 0.01 9.71 -1.37
C PHE C 48 -1.33 10.40 -0.95
N PRO C 49 -1.98 10.04 0.21
CA PRO C 49 -3.27 10.68 0.65
C PRO C 49 -3.15 12.16 1.01
N GLN C 50 -2.04 12.49 1.66
CA GLN C 50 -1.75 13.83 2.13
C GLN C 50 -1.38 14.75 0.97
N VAL C 51 -0.70 14.20 -0.04
CA VAL C 51 -0.22 14.98 -1.18
C VAL C 51 -1.23 15.09 -2.33
N ALA C 52 -2.23 14.18 -2.37
CA ALA C 52 -3.28 14.20 -3.42
C ALA C 52 -4.43 15.14 -3.02
N ALA C 53 -4.56 15.41 -1.69
CA ALA C 53 -5.56 16.35 -1.17
C ALA C 53 -5.16 17.79 -1.52
N THR C 54 -3.88 17.98 -1.89
CA THR C 54 -3.33 19.26 -2.28
C THR C 54 -3.10 19.30 -3.81
N GLY C 55 -3.32 18.16 -4.52
CA GLY C 55 -3.16 18.07 -5.98
C GLY C 55 -1.71 18.02 -6.46
N ASP C 56 -0.77 17.67 -5.56
CA ASP C 56 0.66 17.59 -5.91
C ASP C 56 1.15 16.14 -6.04
N GLY C 57 0.23 15.15 -5.92
CA GLY C 57 0.61 13.75 -6.00
C GLY C 57 1.04 13.25 -7.39
N PRO C 58 1.26 11.92 -7.56
CA PRO C 58 1.66 11.31 -8.82
C PRO C 58 0.45 10.83 -9.63
N ASP C 59 0.72 10.19 -10.77
CA ASP C 59 -0.33 9.67 -11.65
C ASP C 59 -0.65 8.21 -11.31
N ILE C 60 0.39 7.39 -11.18
CA ILE C 60 0.21 5.98 -10.88
C ILE C 60 0.91 5.66 -9.57
N ILE C 61 0.18 4.99 -8.65
CA ILE C 61 0.72 4.56 -7.34
C ILE C 61 0.67 3.03 -7.24
N PHE C 62 1.72 2.41 -6.71
CA PHE C 62 1.77 0.94 -6.54
C PHE C 62 1.82 0.56 -5.07
N TRP C 63 1.01 -0.41 -4.70
CA TRP C 63 0.98 -0.94 -3.34
C TRP C 63 0.06 -2.14 -3.29
N ALA C 64 0.08 -2.89 -2.18
CA ALA C 64 -0.82 -4.03 -2.01
C ALA C 64 -2.26 -3.51 -1.97
N HIS C 65 -3.21 -4.32 -2.41
CA HIS C 65 -4.61 -3.89 -2.47
C HIS C 65 -5.18 -3.24 -1.19
N ASP C 66 -4.68 -3.61 0.02
CA ASP C 66 -5.24 -3.11 1.32
C ASP C 66 -5.27 -1.56 1.48
N ARG C 67 -4.19 -0.85 1.18
CA ARG C 67 -4.19 0.61 1.34
C ARG C 67 -5.06 1.33 0.28
N PHE C 68 -5.54 0.63 -0.76
CA PHE C 68 -6.35 1.27 -1.86
C PHE C 68 -7.82 1.56 -1.49
N GLY C 69 -8.43 0.80 -0.59
CA GLY C 69 -9.80 1.07 -0.21
C GLY C 69 -9.92 2.37 0.54
N GLY C 70 -8.94 2.61 1.43
CA GLY C 70 -8.92 3.86 2.19
C GLY C 70 -8.82 5.05 1.28
N TYR C 71 -8.02 4.92 0.22
CA TYR C 71 -7.86 6.01 -0.75
C TYR C 71 -9.19 6.21 -1.48
N ALA C 72 -9.73 5.13 -2.05
CA ALA C 72 -11.01 5.19 -2.78
C ALA C 72 -12.10 5.89 -1.94
N GLN C 73 -12.23 5.54 -0.64
CA GLN C 73 -13.22 6.18 0.25
C GLN C 73 -12.99 7.71 0.31
N SER C 74 -11.75 8.17 0.07
CA SER C 74 -11.41 9.61 0.08
C SER C 74 -11.37 10.22 -1.36
N GLY C 75 -11.77 9.43 -2.37
CA GLY C 75 -11.83 9.89 -3.76
C GLY C 75 -10.49 10.19 -4.38
N LEU C 76 -9.41 9.65 -3.84
CA LEU C 76 -8.07 9.87 -4.39
C LEU C 76 -7.74 8.91 -5.56
N LEU C 77 -8.58 7.87 -5.79
CA LEU C 77 -8.33 6.90 -6.87
C LEU C 77 -9.33 7.01 -8.03
N ALA C 78 -8.78 6.95 -9.25
CA ALA C 78 -9.54 7.01 -10.49
C ALA C 78 -10.31 5.71 -10.75
N GLU C 79 -11.59 5.83 -11.16
CA GLU C 79 -12.39 4.64 -11.50
C GLU C 79 -11.81 4.03 -12.78
N ILE C 80 -10.96 2.98 -12.63
CA ILE C 80 -10.31 2.36 -13.78
C ILE C 80 -11.35 1.70 -14.67
N THR C 81 -11.15 1.84 -16.00
CA THR C 81 -12.13 1.33 -16.97
C THR C 81 -11.51 0.41 -18.05
N PRO C 82 -11.08 -0.84 -17.68
CA PRO C 82 -10.55 -1.81 -18.64
C PRO C 82 -11.70 -2.58 -19.30
N ASP C 83 -11.53 -2.93 -20.58
CA ASP C 83 -12.60 -3.64 -21.32
C ASP C 83 -12.77 -5.12 -20.89
N LYS C 84 -13.87 -5.71 -21.36
CA LYS C 84 -14.24 -7.12 -21.09
C LYS C 84 -13.11 -8.10 -21.46
N ALA C 85 -12.44 -7.86 -22.60
CA ALA C 85 -11.37 -8.74 -23.06
C ALA C 85 -10.18 -8.71 -22.09
N PHE C 86 -9.82 -7.49 -21.62
CA PHE C 86 -8.69 -7.30 -20.68
C PHE C 86 -8.95 -8.02 -19.35
N GLN C 87 -10.13 -7.78 -18.75
CA GLN C 87 -10.52 -8.42 -17.49
C GLN C 87 -10.30 -9.97 -17.54
N ASP C 88 -10.52 -10.61 -18.71
CA ASP C 88 -10.34 -12.07 -18.84
C ASP C 88 -8.88 -12.49 -19.13
N LYS C 89 -7.95 -11.51 -19.08
CA LYS C 89 -6.51 -11.76 -19.25
C LYS C 89 -5.85 -11.96 -17.86
N LEU C 90 -6.46 -11.30 -16.84
CA LEU C 90 -6.04 -11.31 -15.44
C LEU C 90 -7.00 -12.19 -14.65
N TYR C 91 -6.54 -12.82 -13.56
CA TYR C 91 -7.41 -13.73 -12.79
C TYR C 91 -8.61 -13.01 -12.13
N PRO C 92 -9.84 -13.60 -12.22
CA PRO C 92 -11.07 -12.99 -11.65
C PRO C 92 -10.98 -12.68 -10.16
N PHE C 93 -10.09 -13.37 -9.45
CA PHE C 93 -9.89 -13.14 -8.02
C PHE C 93 -9.08 -11.85 -7.79
N THR C 94 -8.06 -11.63 -8.64
CA THR C 94 -7.21 -10.45 -8.49
C THR C 94 -7.99 -9.17 -8.71
N TRP C 95 -9.02 -9.17 -9.56
CA TRP C 95 -9.83 -7.96 -9.74
C TRP C 95 -10.63 -7.69 -8.48
N ASP C 96 -11.13 -8.76 -7.84
CA ASP C 96 -11.91 -8.64 -6.61
C ASP C 96 -11.10 -7.91 -5.54
N ALA C 97 -9.80 -8.17 -5.47
CA ALA C 97 -8.95 -7.51 -4.48
C ALA C 97 -8.87 -5.99 -4.69
N VAL C 98 -9.06 -5.53 -5.94
CA VAL C 98 -8.99 -4.10 -6.26
C VAL C 98 -10.38 -3.51 -6.56
N ARG C 99 -11.41 -3.96 -5.82
CA ARG C 99 -12.79 -3.47 -6.00
C ARG C 99 -13.30 -2.80 -4.70
N TYR C 100 -13.67 -1.49 -4.78
CA TYR C 100 -14.20 -0.74 -3.62
C TYR C 100 -15.59 -0.18 -3.94
N ASN C 101 -16.62 -0.69 -3.22
CA ASN C 101 -18.02 -0.29 -3.40
C ASN C 101 -18.52 -0.70 -4.81
N GLY C 102 -18.09 -1.91 -5.26
CA GLY C 102 -18.48 -2.42 -6.57
C GLY C 102 -17.67 -1.88 -7.74
N LYS C 103 -16.88 -0.79 -7.54
CA LYS C 103 -16.08 -0.17 -8.63
C LYS C 103 -14.58 -0.58 -8.57
N LEU C 104 -13.99 -0.87 -9.76
CA LEU C 104 -12.58 -1.24 -9.85
C LEU C 104 -11.71 0.02 -9.71
N ILE C 105 -10.81 0.05 -8.72
CA ILE C 105 -9.96 1.24 -8.41
C ILE C 105 -8.46 1.12 -8.74
N ALA C 106 -8.00 -0.04 -9.21
CA ALA C 106 -6.58 -0.25 -9.56
C ALA C 106 -6.42 -1.54 -10.34
N TYR C 107 -5.27 -1.70 -11.01
CA TYR C 107 -5.00 -2.91 -11.80
C TYR C 107 -4.19 -3.91 -11.01
N PRO C 108 -4.68 -5.16 -10.85
CA PRO C 108 -3.92 -6.20 -10.15
C PRO C 108 -2.66 -6.54 -10.94
N ILE C 109 -1.58 -6.81 -10.24
CA ILE C 109 -0.30 -7.12 -10.86
C ILE C 109 0.26 -8.44 -10.35
N ALA C 110 0.03 -8.81 -9.07
CA ALA C 110 0.59 -10.07 -8.52
C ALA C 110 0.00 -10.43 -7.18
N VAL C 111 0.04 -11.71 -6.84
CA VAL C 111 -0.41 -12.23 -5.54
C VAL C 111 0.85 -12.48 -4.71
N GLU C 112 0.99 -11.78 -3.59
CA GLU C 112 2.16 -11.91 -2.73
C GLU C 112 1.81 -12.80 -1.51
N ALA C 113 2.82 -13.51 -1.01
CA ALA C 113 2.68 -14.39 0.14
C ALA C 113 4.03 -14.70 0.76
N LEU C 114 4.13 -14.60 2.06
CA LEU C 114 5.36 -14.90 2.76
C LEU C 114 5.61 -16.42 2.78
N SER C 115 6.90 -16.84 2.79
CA SER C 115 7.28 -18.28 2.84
C SER C 115 8.51 -18.47 3.70
N LEU C 116 8.79 -19.72 4.10
CA LEU C 116 9.97 -20.04 4.92
C LEU C 116 11.19 -20.19 4.00
N ILE C 117 12.07 -19.22 4.03
CA ILE C 117 13.28 -19.25 3.23
C ILE C 117 14.39 -19.81 4.11
N TYR C 118 15.05 -20.87 3.63
CA TYR C 118 16.09 -21.53 4.41
C TYR C 118 17.33 -21.90 3.62
N ASN C 119 18.44 -21.94 4.35
CA ASN C 119 19.77 -22.30 3.87
C ASN C 119 19.93 -23.83 3.85
N LYS C 120 19.89 -24.42 2.64
CA LYS C 120 20.03 -25.88 2.45
C LYS C 120 21.37 -26.40 3.00
N ASP C 121 22.41 -25.56 3.00
CA ASP C 121 23.75 -25.95 3.47
C ASP C 121 23.78 -26.06 5.03
N LEU C 122 23.07 -25.18 5.75
CA LEU C 122 23.01 -25.25 7.22
C LEU C 122 21.80 -26.07 7.65
N LEU C 123 20.88 -26.43 6.72
CA LEU C 123 19.66 -27.14 7.10
C LEU C 123 19.01 -27.87 5.93
N PRO C 124 19.42 -29.14 5.62
CA PRO C 124 18.84 -29.91 4.49
C PRO C 124 17.31 -30.11 4.58
N ASN C 125 16.82 -30.48 5.77
CA ASN C 125 15.38 -30.70 6.00
C ASN C 125 14.82 -29.56 6.88
N PRO C 126 14.12 -28.54 6.29
CA PRO C 126 13.56 -27.39 7.04
C PRO C 126 12.45 -27.81 8.00
N PRO C 127 12.23 -27.04 9.08
CA PRO C 127 11.22 -27.35 10.08
C PRO C 127 9.83 -27.36 9.51
N LYS C 128 9.04 -28.33 9.94
CA LYS C 128 7.65 -28.44 9.50
C LYS C 128 6.77 -27.66 10.44
N THR C 129 7.27 -27.46 11.72
CA THR C 129 6.54 -26.70 12.75
C THR C 129 7.40 -25.63 13.41
N TRP C 130 6.73 -24.62 14.03
CA TRP C 130 7.40 -23.54 14.78
C TRP C 130 7.89 -24.10 16.10
N GLU C 131 7.14 -25.09 16.63
CA GLU C 131 7.43 -25.67 17.92
C GLU C 131 8.78 -26.35 18.04
N GLU C 132 9.45 -26.62 16.94
CA GLU C 132 10.77 -27.27 16.98
C GLU C 132 11.93 -26.25 16.85
N ILE C 133 11.63 -24.99 16.46
CA ILE C 133 12.65 -23.97 16.27
C ILE C 133 13.50 -23.71 17.52
N PRO C 134 12.92 -23.57 18.74
CA PRO C 134 13.72 -23.33 19.94
C PRO C 134 14.88 -24.34 20.05
N ALA C 135 14.58 -25.63 19.86
CA ALA C 135 15.60 -26.68 19.89
C ALA C 135 16.64 -26.46 18.81
N LEU C 136 16.20 -26.47 17.55
CA LEU C 136 17.09 -26.23 16.39
C LEU C 136 18.01 -25.00 16.59
N ASP C 137 17.59 -23.98 17.38
CA ASP C 137 18.46 -22.80 17.62
C ASP C 137 19.65 -23.18 18.50
N LYS C 138 19.42 -23.84 19.67
CA LYS C 138 20.52 -24.29 20.56
C LYS C 138 21.55 -25.12 19.75
N GLU C 139 21.02 -26.04 18.91
CA GLU C 139 21.83 -26.91 18.03
C GLU C 139 22.75 -26.08 17.12
N LEU C 140 22.24 -24.97 16.59
CA LEU C 140 23.05 -24.11 15.72
C LEU C 140 23.90 -23.14 16.53
N LYS C 141 23.54 -22.86 17.79
CA LYS C 141 24.35 -21.96 18.63
C LYS C 141 25.74 -22.62 18.92
N ALA C 142 25.81 -23.96 18.75
CA ALA C 142 27.06 -24.72 18.90
C ALA C 142 28.00 -24.40 17.72
N LYS C 143 27.41 -24.32 16.51
CA LYS C 143 28.15 -23.97 15.28
C LYS C 143 28.26 -22.42 15.14
N GLY C 144 27.89 -21.65 16.19
CA GLY C 144 27.96 -20.18 16.15
C GLY C 144 27.06 -19.55 15.11
N LYS C 145 25.82 -20.03 15.03
CA LYS C 145 24.83 -19.54 14.05
C LYS C 145 23.41 -19.61 14.63
N SER C 146 22.54 -18.69 14.21
CA SER C 146 21.12 -18.69 14.64
C SER C 146 20.30 -19.58 13.72
N ALA C 147 19.04 -19.85 14.08
CA ALA C 147 18.16 -20.68 13.26
C ALA C 147 17.16 -19.83 12.47
N LEU C 148 16.45 -18.91 13.17
CA LEU C 148 15.45 -18.06 12.51
C LEU C 148 15.67 -16.58 12.81
N MET C 149 15.80 -15.80 11.74
CA MET C 149 16.02 -14.36 11.81
C MET C 149 15.10 -13.65 10.82
N PHE C 150 14.16 -12.83 11.32
CA PHE C 150 13.25 -12.10 10.42
C PHE C 150 12.79 -10.81 11.03
N ASN C 151 12.33 -9.92 10.17
CA ASN C 151 11.89 -8.58 10.57
C ASN C 151 10.70 -8.60 11.51
N LEU C 152 10.92 -8.09 12.72
CA LEU C 152 9.87 -7.99 13.73
C LEU C 152 9.49 -6.51 13.94
N GLN C 153 9.62 -5.68 12.94
CA GLN C 153 9.27 -4.27 13.09
C GLN C 153 7.95 -3.94 12.39
N GLU C 154 7.64 -4.67 11.29
CA GLU C 154 6.37 -4.55 10.54
C GLU C 154 5.51 -5.79 10.89
N PRO C 155 4.27 -5.63 11.40
CA PRO C 155 3.45 -6.79 11.81
C PRO C 155 3.19 -7.84 10.72
N TYR C 156 3.29 -7.46 9.45
CA TYR C 156 3.06 -8.36 8.32
C TYR C 156 3.86 -9.73 8.41
N PHE C 157 5.09 -9.67 8.97
CA PHE C 157 5.96 -10.85 9.08
C PHE C 157 5.63 -11.71 10.31
N THR C 158 5.12 -11.12 11.39
CA THR C 158 4.77 -11.90 12.59
C THR C 158 3.31 -12.36 12.54
N TRP C 159 2.52 -11.80 11.57
CA TRP C 159 1.11 -12.14 11.46
C TRP C 159 0.86 -13.60 11.14
N PRO C 160 1.63 -14.27 10.24
CA PRO C 160 1.39 -15.69 9.95
C PRO C 160 1.28 -16.55 11.22
N LEU C 161 2.07 -16.18 12.25
CA LEU C 161 2.06 -16.85 13.55
C LEU C 161 0.83 -16.47 14.41
N ILE C 162 0.55 -15.15 14.54
CA ILE C 162 -0.58 -14.69 15.36
C ILE C 162 -1.92 -15.12 14.74
N ALA C 163 -1.97 -15.28 13.44
CA ALA C 163 -3.20 -15.69 12.77
C ALA C 163 -3.39 -17.22 12.82
N ALA C 164 -2.27 -17.97 12.67
CA ALA C 164 -2.27 -19.46 12.68
C ALA C 164 -3.32 -20.09 13.59
N ASP C 165 -3.26 -19.79 14.89
CA ASP C 165 -4.19 -20.38 15.86
C ASP C 165 -5.55 -19.66 15.94
N GLY C 166 -5.98 -18.93 14.90
CA GLY C 166 -7.29 -18.28 14.94
C GLY C 166 -7.29 -16.76 14.96
N GLY C 167 -6.14 -16.09 15.09
CA GLY C 167 -6.13 -14.64 15.10
C GLY C 167 -6.60 -14.09 13.76
N TYR C 168 -7.27 -12.91 13.78
CA TYR C 168 -7.79 -12.28 12.54
C TYR C 168 -7.93 -10.77 12.65
N ALA C 169 -8.15 -10.11 11.50
CA ALA C 169 -8.31 -8.65 11.47
C ALA C 169 -9.76 -8.24 11.68
N PHE C 170 -10.59 -8.59 10.72
CA PHE C 170 -12.01 -8.27 10.78
C PHE C 170 -12.80 -9.49 10.35
N LYS C 171 -13.87 -9.81 11.10
CA LYS C 171 -14.70 -10.97 10.78
C LYS C 171 -15.44 -10.73 9.45
N TYR C 172 -15.34 -11.70 8.53
CA TYR C 172 -16.00 -11.62 7.23
C TYR C 172 -17.36 -12.28 7.33
N GLU C 173 -18.44 -11.56 6.99
CA GLU C 173 -19.81 -12.12 7.07
C GLU C 173 -20.65 -11.66 5.88
N ASN C 174 -21.20 -12.64 5.13
CA ASN C 174 -22.05 -12.37 3.95
C ASN C 174 -21.52 -11.21 3.07
N GLY C 175 -20.22 -11.28 2.73
CA GLY C 175 -19.59 -10.26 1.88
C GLY C 175 -19.00 -9.08 2.65
N LYS C 176 -19.76 -8.46 3.57
CA LYS C 176 -19.29 -7.28 4.32
C LYS C 176 -18.39 -7.66 5.52
N TYR C 177 -17.42 -6.79 5.85
CA TYR C 177 -16.49 -7.00 6.96
C TYR C 177 -17.03 -6.27 8.19
N ASP C 178 -17.14 -6.98 9.33
CA ASP C 178 -17.64 -6.35 10.57
C ASP C 178 -16.51 -5.61 11.27
N ILE C 179 -16.41 -4.30 10.96
CA ILE C 179 -15.40 -3.38 11.56
C ILE C 179 -15.41 -3.44 13.13
N LYS C 180 -16.54 -3.89 13.74
CA LYS C 180 -16.65 -4.00 15.22
C LYS C 180 -16.16 -5.37 15.77
N ASP C 181 -16.02 -6.41 14.89
CA ASP C 181 -15.50 -7.73 15.32
C ASP C 181 -14.03 -7.85 14.90
N VAL C 182 -13.12 -7.66 15.87
CA VAL C 182 -11.68 -7.70 15.63
C VAL C 182 -11.04 -8.91 16.36
N GLY C 183 -10.27 -9.72 15.60
CA GLY C 183 -9.66 -10.92 16.16
C GLY C 183 -8.21 -10.80 16.53
N VAL C 184 -7.81 -9.71 17.12
CA VAL C 184 -6.42 -9.54 17.54
C VAL C 184 -6.26 -9.88 19.02
N ASP C 185 -7.40 -9.96 19.77
CA ASP C 185 -7.39 -10.23 21.20
C ASP C 185 -7.78 -11.66 21.55
N ASN C 186 -8.34 -12.42 20.60
CA ASN C 186 -8.78 -13.82 20.85
C ASN C 186 -7.66 -14.76 21.40
N ALA C 187 -8.09 -15.76 22.15
CA ALA C 187 -7.18 -16.72 22.78
C ALA C 187 -6.07 -17.21 21.86
N GLY C 188 -6.40 -17.45 20.58
CA GLY C 188 -5.44 -17.94 19.61
C GLY C 188 -4.37 -16.93 19.29
N ALA C 189 -4.79 -15.68 19.06
CA ALA C 189 -3.86 -14.58 18.77
C ALA C 189 -2.78 -14.45 19.86
N LYS C 190 -3.22 -14.42 21.13
CA LYS C 190 -2.31 -14.31 22.27
C LYS C 190 -1.22 -15.39 22.21
N ALA C 191 -1.64 -16.66 22.02
CA ALA C 191 -0.71 -17.83 21.97
C ALA C 191 0.40 -17.64 20.98
N GLY C 192 0.06 -17.28 19.75
CA GLY C 192 1.05 -17.09 18.73
C GLY C 192 1.98 -15.94 19.01
N LEU C 193 1.42 -14.80 19.46
CA LEU C 193 2.25 -13.61 19.78
C LEU C 193 3.12 -13.89 20.99
N THR C 194 2.64 -14.77 21.85
CA THR C 194 3.36 -15.20 23.02
C THR C 194 4.55 -16.02 22.57
N PHE C 195 4.30 -17.02 21.74
CA PHE C 195 5.35 -17.86 21.19
C PHE C 195 6.47 -17.03 20.58
N LEU C 196 6.11 -15.96 19.85
CA LEU C 196 7.13 -15.08 19.27
C LEU C 196 7.94 -14.46 20.43
N VAL C 197 7.22 -13.88 21.40
CA VAL C 197 7.85 -13.29 22.59
C VAL C 197 8.59 -14.35 23.40
N ASP C 198 8.22 -15.62 23.26
CA ASP C 198 8.89 -16.72 23.97
C ASP C 198 10.26 -16.96 23.35
N LEU C 199 10.36 -17.13 22.04
CA LEU C 199 11.68 -17.31 21.44
C LEU C 199 12.53 -16.08 21.76
N ILE C 200 11.91 -14.90 21.76
CA ILE C 200 12.60 -13.66 22.07
C ILE C 200 13.19 -13.69 23.49
N LYS C 201 12.35 -14.05 24.50
CA LYS C 201 12.79 -14.08 25.92
C LYS C 201 13.83 -15.16 26.13
N ASN C 202 13.64 -16.33 25.50
CA ASN C 202 14.59 -17.44 25.61
C ASN C 202 15.76 -17.34 24.60
N LYS C 203 16.25 -16.09 24.36
CA LYS C 203 17.41 -15.76 23.49
C LYS C 203 17.52 -16.59 22.19
N HIS C 204 16.42 -16.74 21.45
CA HIS C 204 16.43 -17.47 20.16
C HIS C 204 16.20 -16.51 19.00
N MET C 205 15.76 -15.27 19.30
CA MET C 205 15.45 -14.26 18.29
C MET C 205 15.48 -12.85 18.92
N ASN C 206 16.48 -12.02 18.58
CA ASN C 206 16.56 -10.65 19.16
C ASN C 206 15.29 -9.84 18.79
N ALA C 207 14.83 -8.99 19.72
CA ALA C 207 13.63 -8.17 19.51
C ALA C 207 13.92 -6.84 18.82
N ASP C 208 15.16 -6.61 18.38
CA ASP C 208 15.54 -5.37 17.68
C ASP C 208 15.77 -5.63 16.17
N THR C 209 15.68 -6.91 15.74
CA THR C 209 15.91 -7.32 14.34
C THR C 209 14.89 -6.67 13.40
N ASP C 210 15.37 -6.15 12.27
CA ASP C 210 14.48 -5.55 11.27
C ASP C 210 14.81 -6.14 9.88
N TYR C 211 14.17 -5.60 8.82
CA TYR C 211 14.38 -6.11 7.44
C TYR C 211 15.86 -6.12 7.05
N SER C 212 16.52 -4.94 7.17
CA SER C 212 17.94 -4.79 6.84
C SER C 212 18.81 -5.82 7.57
N ILE C 213 18.56 -6.03 8.88
CA ILE C 213 19.33 -7.00 9.66
C ILE C 213 19.04 -8.43 9.19
N ALA C 214 17.77 -8.85 9.27
CA ALA C 214 17.37 -10.21 8.90
C ALA C 214 17.85 -10.61 7.51
N GLU C 215 17.73 -9.69 6.51
CA GLU C 215 18.20 -9.98 5.13
C GLU C 215 19.68 -10.21 5.13
N ALA C 216 20.41 -9.32 5.84
CA ALA C 216 21.88 -9.41 5.92
C ALA C 216 22.37 -10.77 6.49
N ALA C 217 21.77 -11.21 7.62
CA ALA C 217 22.13 -12.48 8.26
C ALA C 217 21.95 -13.70 7.34
N PHE C 218 20.78 -13.85 6.73
CA PHE C 218 20.52 -14.99 5.84
C PHE C 218 21.48 -14.99 4.64
N ASN C 219 21.57 -13.84 3.98
CA ASN C 219 22.40 -13.66 2.79
C ASN C 219 23.90 -13.84 3.04
N LYS C 220 24.37 -13.62 4.27
CA LYS C 220 25.79 -13.80 4.60
C LYS C 220 26.02 -15.14 5.32
N GLY C 221 25.08 -16.11 5.13
CA GLY C 221 25.16 -17.45 5.75
C GLY C 221 25.10 -17.49 7.29
N GLU C 222 24.77 -16.34 7.95
CA GLU C 222 24.75 -16.26 9.42
C GLU C 222 23.51 -16.89 10.10
N THR C 223 22.52 -17.39 9.34
CA THR C 223 21.31 -18.01 9.95
C THR C 223 20.57 -18.99 9.01
N ALA C 224 20.07 -20.08 9.61
CA ALA C 224 19.39 -21.18 8.87
C ALA C 224 18.17 -20.78 8.08
N MET C 225 17.39 -19.80 8.55
CA MET C 225 16.18 -19.44 7.83
C MET C 225 15.67 -18.05 8.12
N THR C 226 14.81 -17.57 7.23
CA THR C 226 14.20 -16.26 7.31
C THR C 226 12.76 -16.38 6.77
N ILE C 227 11.94 -15.38 7.07
CA ILE C 227 10.59 -15.31 6.57
C ILE C 227 10.51 -14.06 5.69
N ASN C 228 10.27 -14.24 4.38
CA ASN C 228 10.24 -13.11 3.45
C ASN C 228 9.37 -13.42 2.21
N GLY C 229 9.28 -12.44 1.29
CA GLY C 229 8.50 -12.59 0.07
C GLY C 229 9.36 -12.69 -1.17
N PRO C 230 8.75 -12.89 -2.37
CA PRO C 230 9.50 -13.02 -3.64
C PRO C 230 10.47 -11.89 -3.93
N TRP C 231 10.16 -10.69 -3.48
CA TRP C 231 11.01 -9.53 -3.73
C TRP C 231 12.43 -9.76 -3.26
N ALA C 232 12.56 -10.35 -2.06
CA ALA C 232 13.88 -10.61 -1.46
C ALA C 232 14.67 -11.73 -2.15
N TRP C 233 14.08 -12.43 -3.11
CA TRP C 233 14.78 -13.50 -3.80
C TRP C 233 16.03 -13.01 -4.58
N SER C 234 15.86 -12.09 -5.56
CA SER C 234 16.98 -11.55 -6.36
C SER C 234 18.26 -11.32 -5.54
N ASN C 235 18.15 -10.60 -4.42
CA ASN C 235 19.32 -10.34 -3.55
C ASN C 235 19.86 -11.66 -2.94
N ILE C 236 18.98 -12.65 -2.70
CA ILE C 236 19.45 -13.94 -2.17
C ILE C 236 20.15 -14.72 -3.29
N ASP C 237 19.56 -14.68 -4.51
CA ASP C 237 20.15 -15.35 -5.68
C ASP C 237 21.60 -14.90 -5.86
N THR C 238 21.85 -13.57 -5.72
CA THR C 238 23.18 -13.00 -5.91
C THR C 238 24.15 -13.26 -4.73
N SER C 239 23.66 -13.55 -3.53
CA SER C 239 24.56 -13.87 -2.41
C SER C 239 25.24 -15.23 -2.64
N LYS C 240 24.74 -16.01 -3.66
CA LYS C 240 25.27 -17.33 -4.03
C LYS C 240 25.13 -18.34 -2.89
N VAL C 241 24.02 -18.20 -2.15
CA VAL C 241 23.66 -19.09 -1.05
C VAL C 241 22.73 -20.16 -1.58
N ASN C 242 22.95 -21.41 -1.22
CA ASN C 242 22.04 -22.47 -1.67
C ASN C 242 20.83 -22.35 -0.80
N TYR C 243 19.70 -21.97 -1.40
CA TYR C 243 18.50 -21.74 -0.62
C TYR C 243 17.26 -22.31 -1.27
N GLY C 244 16.23 -22.53 -0.43
CA GLY C 244 14.95 -23.01 -0.89
C GLY C 244 13.83 -22.11 -0.39
N VAL C 245 12.64 -22.24 -0.97
CA VAL C 245 11.47 -21.44 -0.58
C VAL C 245 10.32 -22.41 -0.30
N THR C 246 10.00 -22.65 0.98
CA THR C 246 8.98 -23.66 1.35
C THR C 246 7.82 -23.13 2.23
N VAL C 247 6.91 -24.05 2.64
CA VAL C 247 5.73 -23.76 3.50
C VAL C 247 6.17 -23.24 4.84
N LEU C 248 5.39 -22.32 5.42
CA LEU C 248 5.66 -21.78 6.73
C LEU C 248 5.43 -22.84 7.81
N PRO C 249 6.22 -22.82 8.87
CA PRO C 249 6.09 -23.81 9.92
C PRO C 249 4.73 -23.74 10.61
N THR C 250 4.16 -24.90 10.99
CA THR C 250 2.86 -24.94 11.66
C THR C 250 3.01 -24.65 13.14
N PHE C 251 2.11 -23.84 13.67
CA PHE C 251 2.09 -23.54 15.09
C PHE C 251 0.80 -24.13 15.67
N LYS C 252 0.94 -24.97 16.68
CA LYS C 252 -0.17 -25.61 17.30
C LYS C 252 -0.96 -26.40 16.24
N GLY C 253 -0.23 -27.34 15.58
CA GLY C 253 -0.78 -28.23 14.54
C GLY C 253 -1.68 -27.57 13.51
N GLN C 254 -1.46 -26.29 13.26
CA GLN C 254 -2.26 -25.56 12.33
C GLN C 254 -1.39 -24.72 11.42
N PRO C 255 -1.83 -24.48 10.16
CA PRO C 255 -1.07 -23.67 9.23
C PRO C 255 -1.04 -22.23 9.62
N SER C 256 0.07 -21.56 9.26
CA SER C 256 0.23 -20.13 9.47
C SER C 256 -0.63 -19.45 8.41
N LYS C 257 -1.27 -18.33 8.71
CA LYS C 257 -2.14 -17.71 7.73
C LYS C 257 -1.59 -16.33 7.34
N PRO C 258 -0.62 -16.23 6.41
CA PRO C 258 -0.07 -14.93 5.99
C PRO C 258 -1.13 -14.06 5.39
N PHE C 259 -0.99 -12.75 5.52
CA PHE C 259 -1.97 -11.86 4.94
C PHE C 259 -1.56 -11.65 3.50
N VAL C 260 -2.31 -12.22 2.58
CA VAL C 260 -2.00 -12.14 1.16
C VAL C 260 -2.28 -10.77 0.58
N GLY C 261 -1.25 -10.18 -0.05
CA GLY C 261 -1.37 -8.92 -0.72
C GLY C 261 -1.54 -9.13 -2.22
N VAL C 262 -1.93 -8.09 -2.93
CA VAL C 262 -2.12 -8.12 -4.38
C VAL C 262 -1.55 -6.81 -4.94
N LEU C 263 -0.26 -6.84 -5.35
CA LEU C 263 0.42 -5.64 -5.84
C LEU C 263 -0.39 -4.93 -6.89
N SER C 264 -1.21 -3.99 -6.46
CA SER C 264 -2.05 -3.27 -7.37
C SER C 264 -1.41 -1.96 -7.80
N ALA C 265 -1.96 -1.35 -8.87
CA ALA C 265 -1.47 -0.11 -9.44
C ALA C 265 -2.63 0.81 -9.76
N GLY C 266 -3.02 1.63 -8.79
CA GLY C 266 -4.14 2.55 -8.97
C GLY C 266 -3.76 3.86 -9.64
N ILE C 267 -4.76 4.54 -10.23
CA ILE C 267 -4.54 5.82 -10.91
C ILE C 267 -5.03 6.97 -10.02
N ASN C 268 -4.34 8.11 -10.02
CA ASN C 268 -4.74 9.25 -9.21
C ASN C 268 -5.93 9.89 -9.85
N ALA C 269 -7.07 9.85 -9.14
CA ALA C 269 -8.34 10.43 -9.63
C ALA C 269 -8.18 11.85 -10.21
N ALA C 270 -7.26 12.64 -9.58
CA ALA C 270 -6.98 14.03 -9.98
C ALA C 270 -5.96 14.15 -11.15
N SER C 271 -5.27 13.07 -11.48
CA SER C 271 -4.26 13.12 -12.53
C SER C 271 -4.84 13.61 -13.85
N PRO C 272 -4.11 14.48 -14.58
CA PRO C 272 -4.55 14.93 -15.88
C PRO C 272 -4.27 13.85 -16.95
N ASN C 273 -3.17 13.09 -16.75
CA ASN C 273 -2.75 12.05 -17.70
C ASN C 273 -3.31 10.66 -17.33
N LYS C 274 -4.59 10.59 -16.94
CA LYS C 274 -5.22 9.29 -16.61
C LYS C 274 -5.29 8.42 -17.86
N GLU C 275 -5.61 9.06 -19.02
CA GLU C 275 -5.72 8.36 -20.31
C GLU C 275 -4.41 7.68 -20.68
N LEU C 276 -3.27 8.34 -20.45
CA LEU C 276 -1.96 7.76 -20.74
C LEU C 276 -1.63 6.61 -19.77
N ALA C 277 -2.08 6.72 -18.49
CA ALA C 277 -1.84 5.68 -17.48
C ALA C 277 -2.40 4.35 -17.96
N LYS C 278 -3.65 4.37 -18.49
CA LYS C 278 -4.33 3.17 -19.03
C LYS C 278 -3.48 2.49 -20.13
N GLU C 279 -3.00 3.27 -21.12
CA GLU C 279 -2.18 2.73 -22.23
C GLU C 279 -0.92 2.05 -21.69
N PHE C 280 -0.25 2.74 -20.76
CA PHE C 280 0.96 2.22 -20.14
C PHE C 280 0.68 0.92 -19.36
N LEU C 281 -0.05 1.03 -18.25
CA LEU C 281 -0.40 -0.12 -17.40
C LEU C 281 -1.05 -1.30 -18.16
N GLU C 282 -1.96 -1.02 -19.12
CA GLU C 282 -2.68 -2.09 -19.84
C GLU C 282 -1.90 -2.71 -20.99
N ASN C 283 -1.28 -1.91 -21.86
CA ASN C 283 -0.62 -2.45 -23.05
C ASN C 283 0.91 -2.48 -23.02
N TYR C 284 1.55 -2.11 -21.89
CA TYR C 284 3.03 -2.12 -21.81
C TYR C 284 3.54 -2.83 -20.55
N LEU C 285 2.77 -2.82 -19.45
CA LEU C 285 3.20 -3.49 -18.19
C LEU C 285 2.48 -4.84 -18.03
N LEU C 286 1.13 -4.81 -18.10
CA LEU C 286 0.33 -6.04 -17.94
C LEU C 286 0.37 -6.92 -19.22
N THR C 287 1.59 -7.43 -19.50
CA THR C 287 1.87 -8.27 -20.66
C THR C 287 3.14 -9.05 -20.40
N ASP C 288 3.28 -10.22 -21.04
CA ASP C 288 4.48 -11.09 -20.85
C ASP C 288 5.82 -10.30 -20.88
N GLU C 289 5.86 -9.15 -21.60
CA GLU C 289 7.08 -8.31 -21.73
C GLU C 289 7.34 -7.44 -20.50
N GLY C 290 6.29 -6.72 -20.05
CA GLY C 290 6.40 -5.82 -18.91
C GLY C 290 6.71 -6.52 -17.61
N LEU C 291 5.79 -7.37 -17.14
CA LEU C 291 5.97 -8.12 -15.90
C LEU C 291 7.35 -8.78 -15.85
N GLU C 292 7.83 -9.31 -17.00
CA GLU C 292 9.14 -9.96 -17.10
C GLU C 292 10.26 -8.99 -16.72
N ALA C 293 10.25 -7.76 -17.29
CA ALA C 293 11.29 -6.76 -16.99
C ALA C 293 11.26 -6.34 -15.53
N VAL C 294 10.06 -6.31 -14.94
CA VAL C 294 9.92 -5.98 -13.53
C VAL C 294 10.38 -7.18 -12.70
N ASN C 295 9.87 -8.38 -13.06
CA ASN C 295 10.25 -9.65 -12.39
C ASN C 295 11.76 -9.93 -12.49
N LYS C 296 12.47 -9.46 -13.56
CA LYS C 296 13.94 -9.69 -13.68
C LYS C 296 14.73 -8.83 -12.66
N ASP C 297 14.14 -7.69 -12.24
CA ASP C 297 14.75 -6.80 -11.24
C ASP C 297 14.53 -7.37 -9.85
N LYS C 298 13.25 -7.57 -9.50
CA LYS C 298 12.82 -8.12 -8.21
C LYS C 298 11.57 -8.97 -8.49
N PRO C 299 11.58 -10.29 -8.21
CA PRO C 299 10.46 -11.17 -8.51
C PRO C 299 9.12 -10.76 -7.92
N LEU C 300 8.07 -10.95 -8.71
CA LEU C 300 6.71 -10.69 -8.28
C LEU C 300 6.13 -12.01 -7.75
N GLY C 301 6.60 -13.15 -8.35
CA GLY C 301 6.14 -14.46 -7.97
C GLY C 301 4.86 -14.82 -8.67
N ALA C 302 3.77 -15.05 -7.89
CA ALA C 302 2.48 -15.34 -8.47
C ALA C 302 1.99 -14.08 -9.13
N VAL C 303 1.84 -14.11 -10.45
CA VAL C 303 1.46 -12.91 -11.20
C VAL C 303 -0.04 -12.85 -11.54
N ALA C 304 -0.59 -11.64 -11.53
CA ALA C 304 -2.02 -11.44 -11.84
C ALA C 304 -2.35 -11.77 -13.30
N LEU C 305 -1.37 -11.53 -14.20
CA LEU C 305 -1.55 -11.77 -15.63
C LEU C 305 -1.33 -13.25 -15.95
N LYS C 306 -2.39 -13.92 -16.48
CA LYS C 306 -2.38 -15.36 -16.82
C LYS C 306 -1.23 -15.74 -17.75
N SER C 307 -1.11 -15.02 -18.88
CA SER C 307 -0.07 -15.26 -19.89
C SER C 307 1.31 -15.59 -19.25
N TYR C 308 1.91 -14.58 -18.58
CA TYR C 308 3.22 -14.71 -17.92
C TYR C 308 3.20 -15.68 -16.74
N GLU C 309 2.05 -15.81 -16.05
CA GLU C 309 1.98 -16.72 -14.90
C GLU C 309 2.19 -18.16 -15.32
N GLU C 310 1.56 -18.56 -16.46
CA GLU C 310 1.68 -19.91 -17.01
C GLU C 310 3.15 -20.27 -17.16
N GLU C 311 3.93 -19.30 -17.67
CA GLU C 311 5.38 -19.46 -17.88
C GLU C 311 6.15 -19.76 -16.57
N LEU C 312 5.97 -18.91 -15.56
CA LEU C 312 6.68 -19.02 -14.28
C LEU C 312 6.22 -20.16 -13.33
N ALA C 313 5.00 -20.69 -13.51
CA ALA C 313 4.43 -21.76 -12.64
C ALA C 313 5.40 -22.89 -12.22
N LYS C 314 6.26 -23.37 -13.13
CA LYS C 314 7.17 -24.49 -12.81
C LYS C 314 8.10 -24.18 -11.63
N ASP C 315 8.58 -22.92 -11.53
CA ASP C 315 9.47 -22.47 -10.41
C ASP C 315 8.96 -23.02 -9.07
N PRO C 316 9.75 -23.83 -8.33
CA PRO C 316 9.29 -24.38 -7.05
C PRO C 316 9.15 -23.32 -5.95
N ARG C 317 9.78 -22.11 -6.17
CA ARG C 317 9.72 -20.98 -5.22
C ARG C 317 8.33 -20.38 -5.29
N ILE C 318 7.79 -20.26 -6.52
CA ILE C 318 6.44 -19.75 -6.70
C ILE C 318 5.43 -20.78 -6.19
N ALA C 319 5.76 -22.07 -6.31
CA ALA C 319 4.90 -23.14 -5.78
C ALA C 319 4.62 -22.88 -4.30
N ALA C 320 5.69 -22.53 -3.55
CA ALA C 320 5.56 -22.21 -2.13
C ALA C 320 4.67 -21.02 -1.95
N THR C 321 4.99 -19.94 -2.64
CA THR C 321 4.18 -18.72 -2.60
C THR C 321 2.72 -19.06 -2.83
N MET C 322 2.46 -19.80 -3.90
CA MET C 322 1.09 -20.24 -4.20
C MET C 322 0.53 -21.06 -3.07
N GLU C 323 1.38 -21.91 -2.47
CA GLU C 323 0.97 -22.76 -1.35
C GLU C 323 0.53 -21.90 -0.16
N ASN C 324 1.45 -21.07 0.36
CA ASN C 324 1.19 -20.15 1.48
C ASN C 324 0.04 -19.21 1.16
N ALA C 325 0.06 -18.58 -0.01
CA ALA C 325 -1.02 -17.71 -0.43
C ALA C 325 -2.37 -18.39 -0.25
N GLN C 326 -2.44 -19.68 -0.56
CA GLN C 326 -3.69 -20.44 -0.45
C GLN C 326 -4.02 -20.79 1.00
N LYS C 327 -3.00 -21.25 1.75
CA LYS C 327 -3.16 -21.67 3.16
C LYS C 327 -3.52 -20.49 4.09
N GLY C 328 -3.20 -19.23 3.66
CA GLY C 328 -3.49 -18.02 4.45
C GLY C 328 -4.76 -17.33 4.01
N GLU C 329 -4.91 -16.02 4.33
CA GLU C 329 -6.14 -15.26 4.00
C GLU C 329 -5.84 -13.99 3.21
N ILE C 330 -6.77 -13.58 2.34
CA ILE C 330 -6.63 -12.38 1.51
C ILE C 330 -6.90 -11.12 2.31
N MET C 331 -5.98 -10.16 2.25
CA MET C 331 -6.07 -8.89 2.99
C MET C 331 -7.35 -8.11 2.67
N PRO C 332 -8.12 -7.65 3.67
CA PRO C 332 -9.30 -6.82 3.41
C PRO C 332 -8.85 -5.50 2.77
N ASN C 333 -9.69 -4.87 1.94
CA ASN C 333 -9.30 -3.61 1.27
C ASN C 333 -9.95 -2.39 1.94
N ILE C 334 -10.82 -2.60 2.95
CA ILE C 334 -11.52 -1.51 3.67
C ILE C 334 -10.56 -0.45 4.24
N PRO C 335 -11.06 0.80 4.55
CA PRO C 335 -10.21 1.89 5.11
C PRO C 335 -9.71 1.61 6.55
N GLN C 336 -10.51 0.88 7.34
CA GLN C 336 -10.12 0.53 8.71
C GLN C 336 -8.86 -0.37 8.79
N MET C 337 -8.37 -0.95 7.65
CA MET C 337 -7.15 -1.82 7.69
C MET C 337 -5.97 -1.04 8.26
N SER C 338 -5.83 0.24 7.86
CA SER C 338 -4.74 1.11 8.33
C SER C 338 -4.64 1.05 9.87
N ALA C 339 -5.77 1.32 10.56
CA ALA C 339 -5.83 1.28 12.04
C ALA C 339 -5.36 -0.04 12.60
N PHE C 340 -5.96 -1.14 12.12
CA PHE C 340 -5.60 -2.49 12.58
C PHE C 340 -4.10 -2.73 12.44
N TRP C 341 -3.50 -2.25 11.34
CA TRP C 341 -2.07 -2.48 11.08
C TRP C 341 -1.23 -1.75 12.09
N TYR C 342 -1.38 -0.40 12.13
CA TYR C 342 -0.64 0.47 13.08
C TYR C 342 -0.82 -0.09 14.50
N ALA C 343 -2.07 -0.52 14.80
CA ALA C 343 -2.42 -1.09 16.08
C ALA C 343 -1.63 -2.37 16.36
N VAL C 344 -1.61 -3.32 15.41
CA VAL C 344 -0.85 -4.56 15.62
C VAL C 344 0.63 -4.28 15.60
N ARG C 345 1.04 -3.24 14.85
CA ARG C 345 2.44 -2.87 14.80
C ARG C 345 2.98 -2.71 16.21
N THR C 346 2.34 -1.84 16.97
CA THR C 346 2.74 -1.56 18.33
C THR C 346 2.62 -2.76 19.27
N ALA C 347 1.68 -3.69 19.01
CA ALA C 347 1.53 -4.86 19.88
C ALA C 347 2.74 -5.77 19.78
N VAL C 348 3.11 -6.17 18.57
CA VAL C 348 4.27 -7.02 18.37
C VAL C 348 5.52 -6.37 18.93
N ILE C 349 5.73 -5.05 18.71
CA ILE C 349 6.95 -4.42 19.27
C ILE C 349 6.90 -4.39 20.80
N ASN C 350 6.02 -3.54 21.39
CA ASN C 350 5.89 -3.43 22.85
C ASN C 350 5.91 -4.81 23.54
N ALA C 351 5.16 -5.78 22.99
CA ALA C 351 5.09 -7.15 23.58
C ALA C 351 6.47 -7.80 23.70
N ALA C 352 7.25 -7.72 22.61
CA ALA C 352 8.59 -8.30 22.53
C ALA C 352 9.65 -7.46 23.25
N SER C 353 9.46 -6.13 23.26
CA SER C 353 10.42 -5.23 23.92
C SER C 353 10.31 -5.39 25.44
N GLY C 354 9.07 -5.44 25.94
CA GLY C 354 8.82 -5.57 27.35
C GLY C 354 7.79 -4.56 27.83
N ARG C 355 7.78 -3.34 27.24
CA ARG C 355 6.83 -2.26 27.62
C ARG C 355 5.50 -2.84 28.14
N GLN C 356 4.78 -3.58 27.27
CA GLN C 356 3.49 -4.22 27.62
C GLN C 356 3.64 -5.73 27.50
N THR C 357 2.86 -6.49 28.27
CA THR C 357 2.89 -7.95 28.14
C THR C 357 1.95 -8.33 27.00
N VAL C 358 2.11 -9.53 26.45
CA VAL C 358 1.29 -9.96 25.31
C VAL C 358 -0.18 -9.57 25.50
N ASP C 359 -0.80 -10.08 26.58
CA ASP C 359 -2.21 -9.75 26.90
C ASP C 359 -2.47 -8.23 26.84
N GLU C 360 -1.55 -7.44 27.40
CA GLU C 360 -1.70 -5.97 27.41
C GLU C 360 -1.59 -5.38 25.99
N ALA C 361 -0.55 -5.79 25.24
CA ALA C 361 -0.33 -5.28 23.88
C ALA C 361 -1.51 -5.56 22.98
N LEU C 362 -1.98 -6.81 22.98
CA LEU C 362 -3.11 -7.21 22.14
C LEU C 362 -4.43 -6.61 22.61
N LYS C 363 -4.58 -6.45 23.95
CA LYS C 363 -5.81 -5.88 24.51
C LYS C 363 -5.92 -4.44 24.07
N ASP C 364 -4.78 -3.77 23.88
CA ASP C 364 -4.75 -2.38 23.43
C ASP C 364 -5.02 -2.31 21.93
N ALA C 365 -4.46 -3.26 21.17
CA ALA C 365 -4.69 -3.29 19.72
C ALA C 365 -6.16 -3.62 19.45
N GLN C 366 -6.76 -4.47 20.32
CA GLN C 366 -8.18 -4.84 20.23
C GLN C 366 -9.06 -3.59 20.12
N THR C 367 -8.70 -2.54 20.91
CA THR C 367 -9.40 -1.25 20.97
C THR C 367 -8.89 -0.27 19.88
N ASN C 368 -7.56 0.00 19.83
CA ASN C 368 -6.99 0.95 18.84
C ASN C 368 -7.35 0.58 17.36
N SER C 369 -7.71 -0.70 17.14
CA SER C 369 -8.07 -1.22 15.82
C SER C 369 -9.46 -0.76 15.32
N SER C 370 -10.27 -0.11 16.15
CA SER C 370 -11.62 0.35 15.75
C SER C 370 -11.84 1.87 16.00
N SER D 9 -20.95 17.81 -6.52
CA SER D 9 -22.00 18.41 -5.62
C SER D 9 -21.68 19.85 -5.20
N ILE D 10 -20.41 20.11 -4.81
CA ILE D 10 -19.95 21.45 -4.40
C ILE D 10 -20.30 22.53 -5.44
N ASN D 11 -20.35 22.16 -6.75
CA ASN D 11 -20.66 23.11 -7.82
C ASN D 11 -21.97 23.88 -7.49
N GLN D 12 -22.93 23.18 -6.83
CA GLN D 12 -24.18 23.82 -6.37
C GLN D 12 -23.86 24.75 -5.18
N LYS D 13 -22.98 24.27 -4.26
CA LYS D 13 -22.57 25.06 -3.08
C LYS D 13 -21.91 26.40 -3.49
N LEU D 14 -21.05 26.37 -4.52
CA LEU D 14 -20.40 27.56 -5.06
C LEU D 14 -21.49 28.55 -5.54
N ALA D 15 -22.31 28.06 -6.49
CA ALA D 15 -23.44 28.81 -7.08
C ALA D 15 -24.26 29.52 -6.01
N LEU D 16 -24.60 28.77 -4.95
CA LEU D 16 -25.38 29.30 -3.81
C LEU D 16 -24.69 30.54 -3.22
N VAL D 17 -23.39 30.40 -2.86
CA VAL D 17 -22.59 31.52 -2.30
C VAL D 17 -22.66 32.76 -3.23
N ILE D 18 -22.82 32.51 -4.53
CA ILE D 18 -22.88 33.57 -5.53
C ILE D 18 -24.21 34.35 -5.56
N LYS D 19 -25.35 33.73 -5.17
CA LYS D 19 -26.63 34.46 -5.21
C LYS D 19 -26.88 35.25 -3.91
N SER D 20 -26.53 34.67 -2.75
CA SER D 20 -26.73 35.33 -1.46
C SER D 20 -25.50 36.14 -0.99
N GLY D 21 -24.36 35.46 -0.80
CA GLY D 21 -23.17 36.10 -0.31
C GLY D 21 -22.22 36.54 -1.38
N LYS D 22 -21.16 37.24 -0.94
CA LYS D 22 -20.16 37.77 -1.83
C LYS D 22 -19.00 36.79 -2.02
N TYR D 23 -18.37 36.93 -3.17
CA TYR D 23 -17.23 36.14 -3.61
C TYR D 23 -16.39 37.06 -4.52
N THR D 24 -15.35 36.51 -5.11
CA THR D 24 -14.53 37.20 -6.10
C THR D 24 -13.75 36.19 -6.92
N LEU D 25 -13.37 36.57 -8.10
CA LEU D 25 -12.74 35.64 -9.01
C LEU D 25 -11.46 36.16 -9.56
N GLY D 26 -10.55 35.24 -9.90
CA GLY D 26 -9.25 35.59 -10.48
C GLY D 26 -8.14 35.62 -9.48
N TYR D 27 -6.89 35.59 -9.99
CA TYR D 27 -5.72 35.64 -9.13
C TYR D 27 -5.65 36.98 -8.42
N LYS D 28 -5.31 38.06 -9.16
CA LYS D 28 -5.20 39.41 -8.58
C LYS D 28 -6.19 39.66 -7.40
N SER D 29 -7.49 39.60 -7.68
CA SER D 29 -8.57 39.87 -6.72
C SER D 29 -8.53 39.05 -5.41
N THR D 30 -8.16 37.75 -5.49
CA THR D 30 -8.10 36.89 -4.29
C THR D 30 -6.85 37.21 -3.42
N VAL D 31 -5.66 37.39 -4.03
CA VAL D 31 -4.47 37.73 -3.26
C VAL D 31 -4.76 38.95 -2.36
N LYS D 32 -5.45 39.95 -2.97
CA LYS D 32 -5.89 41.16 -2.27
C LYS D 32 -6.78 40.76 -1.13
N SER D 33 -7.78 39.91 -1.39
CA SER D 33 -8.65 39.45 -0.35
C SER D 33 -7.88 38.73 0.76
N LEU D 34 -6.83 37.94 0.40
CA LEU D 34 -6.00 37.25 1.42
C LEU D 34 -5.27 38.31 2.29
N ARG D 35 -4.64 39.30 1.64
CA ARG D 35 -3.96 40.39 2.37
C ARG D 35 -4.91 41.05 3.34
N GLN D 36 -6.15 41.28 2.92
CA GLN D 36 -7.17 41.92 3.78
C GLN D 36 -7.80 40.91 4.76
N GLY D 37 -7.52 39.63 4.60
CA GLY D 37 -8.12 38.63 5.47
C GLY D 37 -9.64 38.63 5.40
N LYS D 38 -10.20 39.23 4.32
CA LYS D 38 -11.65 39.30 4.14
C LYS D 38 -12.20 37.98 3.65
N SER D 39 -11.38 37.22 2.86
CA SER D 39 -11.85 35.91 2.38
C SER D 39 -11.66 34.92 3.48
N LYS D 40 -12.54 33.95 3.50
CA LYS D 40 -12.49 32.91 4.47
C LYS D 40 -11.87 31.70 3.80
N LEU D 41 -12.54 31.20 2.77
CA LEU D 41 -12.12 30.04 1.99
C LEU D 41 -11.58 30.44 0.57
N ILE D 42 -10.58 29.77 0.02
CA ILE D 42 -10.17 30.03 -1.38
C ILE D 42 -10.42 28.70 -2.13
N ILE D 43 -10.52 28.73 -3.47
CA ILE D 43 -10.73 27.52 -4.28
C ILE D 43 -9.81 27.60 -5.46
N ILE D 44 -8.84 26.70 -5.60
CA ILE D 44 -7.94 26.80 -6.79
C ILE D 44 -8.09 25.59 -7.72
N ALA D 45 -8.17 25.84 -9.06
CA ALA D 45 -8.36 24.76 -10.05
C ALA D 45 -7.22 23.81 -10.09
N ALA D 46 -7.52 22.60 -10.54
CA ALA D 46 -6.54 21.55 -10.60
C ALA D 46 -5.27 21.95 -11.35
N ASN D 47 -5.29 21.92 -12.68
CA ASN D 47 -4.07 22.17 -13.44
C ASN D 47 -3.67 23.63 -13.59
N THR D 48 -3.60 24.32 -12.43
CA THR D 48 -3.09 25.70 -12.35
C THR D 48 -1.54 25.61 -12.36
N PRO D 49 -0.80 26.47 -13.08
CA PRO D 49 0.67 26.40 -13.10
C PRO D 49 1.26 26.34 -11.68
N VAL D 50 2.53 25.97 -11.55
CA VAL D 50 3.14 25.80 -10.22
C VAL D 50 3.42 27.10 -9.46
N LEU D 51 4.23 28.05 -10.02
CA LEU D 51 4.50 29.35 -9.36
C LEU D 51 3.26 29.88 -8.69
N ARG D 52 2.20 29.96 -9.51
CA ARG D 52 0.93 30.48 -9.07
C ARG D 52 0.29 29.66 -7.90
N LYS D 53 -0.02 28.32 -8.02
CA LYS D 53 -0.66 27.66 -6.87
C LYS D 53 0.25 27.73 -5.64
N SER D 54 1.59 27.94 -5.84
CA SER D 54 2.52 28.11 -4.72
C SER D 54 2.27 29.48 -4.10
N GLU D 55 2.28 30.54 -4.95
CA GLU D 55 2.02 31.90 -4.49
C GLU D 55 0.62 32.03 -3.81
N LEU D 56 -0.40 31.26 -4.26
CA LEU D 56 -1.72 31.35 -3.63
C LEU D 56 -1.69 30.67 -2.27
N GLU D 57 -1.30 29.42 -2.30
CA GLU D 57 -1.13 28.58 -1.12
C GLU D 57 -0.32 29.39 -0.07
N TYR D 58 0.73 30.14 -0.57
CA TYR D 58 1.57 30.99 0.28
C TYR D 58 0.77 32.10 0.93
N TYR D 59 -0.01 32.95 0.17
CA TYR D 59 -0.82 33.99 0.85
C TYR D 59 -1.87 33.28 1.73
N ALA D 60 -2.68 32.33 1.19
CA ALA D 60 -3.57 31.55 2.05
C ALA D 60 -2.86 31.12 3.35
N MET D 61 -1.52 30.72 3.29
CA MET D 61 -0.78 30.31 4.50
C MET D 61 -0.54 31.51 5.42
N LEU D 62 -0.03 32.63 4.87
CA LEU D 62 0.21 33.83 5.65
C LEU D 62 -1.10 34.41 6.21
N SER D 63 -2.14 34.44 5.39
CA SER D 63 -3.44 34.97 5.80
C SER D 63 -4.16 34.06 6.76
N LYS D 64 -3.71 32.81 6.89
CA LYS D 64 -4.34 31.82 7.78
C LYS D 64 -5.77 31.49 7.28
N THR D 65 -5.86 31.43 5.95
CA THR D 65 -7.06 31.14 5.19
C THR D 65 -7.00 29.70 4.72
N LYS D 66 -8.18 29.08 4.67
CA LYS D 66 -8.32 27.69 4.22
C LYS D 66 -8.31 27.57 2.71
N VAL D 67 -7.93 26.39 2.23
CA VAL D 67 -7.86 26.16 0.81
C VAL D 67 -8.51 24.85 0.43
N TYR D 68 -9.38 24.94 -0.58
CA TYR D 68 -10.06 23.82 -1.18
C TYR D 68 -9.53 23.65 -2.55
N TYR D 69 -9.27 22.41 -2.92
CA TYR D 69 -8.73 22.10 -4.24
C TYR D 69 -9.82 21.47 -5.07
N PHE D 70 -10.15 22.14 -6.18
CA PHE D 70 -11.23 21.71 -7.09
C PHE D 70 -10.76 20.57 -7.93
N GLN D 71 -11.60 19.54 -8.04
CA GLN D 71 -11.25 18.38 -8.82
C GLN D 71 -11.56 18.62 -10.33
N GLY D 72 -11.17 19.82 -10.89
CA GLY D 72 -11.38 20.12 -12.31
C GLY D 72 -10.91 21.52 -12.70
N GLY D 73 -10.16 21.61 -13.81
CA GLY D 73 -9.62 22.84 -14.31
C GLY D 73 -10.56 24.04 -14.30
N ASN D 74 -9.92 25.20 -14.21
CA ASN D 74 -10.56 26.55 -14.20
C ASN D 74 -11.77 26.64 -15.15
N ASN D 75 -11.67 25.96 -16.30
CA ASN D 75 -12.73 25.89 -17.31
C ASN D 75 -14.09 25.54 -16.65
N GLU D 76 -14.10 24.46 -15.83
CA GLU D 76 -15.31 24.00 -15.11
C GLU D 76 -15.67 24.92 -13.94
N LEU D 77 -14.67 25.69 -13.43
CA LEU D 77 -14.88 26.65 -12.31
C LEU D 77 -15.77 27.79 -12.79
N GLY D 78 -15.40 28.39 -13.93
CA GLY D 78 -16.18 29.47 -14.51
C GLY D 78 -17.60 29.01 -14.70
N THR D 79 -17.73 27.80 -15.23
CA THR D 79 -19.03 27.16 -15.43
C THR D 79 -19.74 27.00 -14.08
N ALA D 80 -18.98 26.58 -13.05
CA ALA D 80 -19.49 26.39 -11.71
C ALA D 80 -19.77 27.72 -10.98
N VAL D 81 -19.23 28.85 -11.41
CA VAL D 81 -19.50 30.14 -10.73
C VAL D 81 -20.44 31.07 -11.54
N GLY D 82 -21.05 30.57 -12.62
CA GLY D 82 -21.97 31.38 -13.42
C GLY D 82 -21.31 32.28 -14.48
N LYS D 83 -20.07 31.96 -14.87
CA LYS D 83 -19.34 32.72 -15.90
C LYS D 83 -19.08 31.82 -17.10
N LEU D 84 -18.57 32.43 -18.19
CA LEU D 84 -18.24 31.72 -19.45
C LEU D 84 -16.73 31.55 -19.60
N PHE D 85 -15.97 32.52 -19.04
CA PHE D 85 -14.51 32.54 -19.11
C PHE D 85 -13.91 31.69 -18.03
N ARG D 86 -12.63 31.35 -18.19
CA ARG D 86 -11.90 30.51 -17.23
C ARG D 86 -11.48 31.27 -15.98
N VAL D 87 -11.64 30.61 -14.85
CA VAL D 87 -11.30 31.19 -13.56
C VAL D 87 -10.56 30.16 -12.67
N GLY D 88 -9.25 30.33 -12.62
CA GLY D 88 -8.36 29.45 -11.87
C GLY D 88 -8.38 29.57 -10.36
N VAL D 89 -9.06 30.55 -9.80
CA VAL D 89 -9.11 30.69 -8.35
C VAL D 89 -10.36 31.46 -7.92
N VAL D 90 -10.97 31.08 -6.81
CA VAL D 90 -12.17 31.74 -6.33
C VAL D 90 -12.00 32.11 -4.87
N SER D 91 -12.20 33.37 -4.54
CA SER D 91 -12.11 33.78 -3.15
C SER D 91 -13.49 33.96 -2.63
N ILE D 92 -13.89 33.09 -1.72
CA ILE D 92 -15.23 33.16 -1.11
C ILE D 92 -15.18 34.16 0.04
N LEU D 93 -15.96 35.25 0.01
CA LEU D 93 -15.95 36.20 1.14
C LEU D 93 -16.90 35.66 2.21
N GLU D 94 -18.21 36.02 2.17
CA GLU D 94 -19.20 35.49 3.10
C GLU D 94 -20.20 34.61 2.33
N ALA D 95 -20.68 33.52 2.96
CA ALA D 95 -21.63 32.58 2.33
C ALA D 95 -23.03 32.69 3.00
N GLY D 96 -24.08 32.93 2.20
CA GLY D 96 -25.44 33.08 2.76
C GLY D 96 -26.02 31.75 3.18
N ASP D 97 -26.92 31.19 2.35
CA ASP D 97 -27.56 29.88 2.63
C ASP D 97 -26.57 28.70 2.42
N SER D 98 -25.39 28.96 1.80
CA SER D 98 -24.37 27.92 1.55
C SER D 98 -23.54 27.63 2.80
N ASP D 99 -23.04 26.39 2.86
CA ASP D 99 -22.22 25.92 3.99
C ASP D 99 -20.80 25.39 3.61
N ILE D 100 -20.14 25.88 2.51
CA ILE D 100 -18.78 25.35 2.13
C ILE D 100 -17.64 25.64 3.12
N LEU D 101 -17.79 26.67 3.94
CA LEU D 101 -16.75 27.01 4.90
C LEU D 101 -16.98 26.29 6.23
N THR D 102 -18.22 25.81 6.46
CA THR D 102 -18.56 25.11 7.69
C THR D 102 -18.85 23.61 7.49
N THR D 103 -18.75 23.03 6.26
CA THR D 103 -19.02 21.59 6.11
C THR D 103 -17.83 20.83 5.57
N LEU D 104 -17.26 21.33 4.47
CA LEU D 104 -16.17 20.63 3.80
C LEU D 104 -14.77 21.15 4.16
N ALA D 105 -14.67 22.43 4.60
CA ALA D 105 -13.39 23.03 4.99
C ALA D 105 -13.18 22.97 6.52
#